data_3QFX
#
_entry.id   3QFX
#
_cell.length_a   58.239
_cell.length_b   58.239
_cell.length_c   149.142
_cell.angle_alpha   90.000
_cell.angle_beta   90.000
_cell.angle_gamma   90.000
#
_symmetry.space_group_name_H-M   'P 41'
#
loop_
_entity.id
_entity.type
_entity.pdbx_description
1 polymer 'Bifunctional dihydrofolate reductase-thymidylate synthase'
2 non-polymer 'NADPH DIHYDRO-NICOTINAMIDE-ADENINE-DINUCLEOTIDE PHOSPHATE'
3 non-polymer 5-(4-CHLORO-PHENYL)-6-ETHYL-PYRIMIDINE-2,4-DIAMINE
4 water water
#
_entity_poly.entity_id   1
_entity_poly.type   'polypeptide(L)'
_entity_poly.pdbx_seq_one_letter_code
;MLSLTRILRKKIPVHELAGKISRPPLRPFSVVVASDEKGGIGDGGTIPWEIPEDMQYFRRVTTNLRGKNVKPSPSKRNAV
VMGRKTWDSLPPKFRPLSNRLNVVLSRSATKEQLLAGIPDPIKRAEAANDVVAVNGGLEDALRMLVSKEHTSSIETVFCI
GGGTIYKQALCAPCVNVLQAIHRTVVRPASNSCSVFFDIPAAGTKTPEGLELVRESITDERVSTGAGGKKYQFEKLVPRN
S
;
_entity_poly.pdbx_strand_id   A,B
#
loop_
_chem_comp.id
_chem_comp.type
_chem_comp.name
_chem_comp.formula
CP6 non-polymer 5-(4-CHLORO-PHENYL)-6-ETHYL-PYRIMIDINE-2,4-DIAMINE 'C12 H13 Cl N4'
NDP non-polymer 'NADPH DIHYDRO-NICOTINAMIDE-ADENINE-DINUCLEOTIDE PHOSPHATE' 'C21 H30 N7 O17 P3'
#
# COMPACT_ATOMS: atom_id res chain seq x y z
N ARG A 23 18.30 20.42 -28.11
CA ARG A 23 19.78 20.58 -28.12
C ARG A 23 20.33 20.65 -26.69
N PRO A 24 20.55 19.49 -26.06
CA PRO A 24 20.31 18.16 -26.62
C PRO A 24 18.81 17.85 -26.74
N PRO A 25 18.44 16.96 -27.68
CA PRO A 25 17.04 16.59 -27.89
C PRO A 25 16.44 15.79 -26.74
N LEU A 26 15.12 15.75 -26.69
CA LEU A 26 14.41 15.01 -25.66
C LEU A 26 13.60 13.91 -26.33
N ARG A 27 13.67 12.71 -25.77
CA ARG A 27 12.93 11.58 -26.30
C ARG A 27 11.44 11.85 -26.19
N PRO A 28 10.69 11.66 -27.29
CA PRO A 28 9.24 11.90 -27.26
C PRO A 28 8.60 10.89 -26.32
N PHE A 29 7.45 11.23 -25.74
CA PHE A 29 6.80 10.34 -24.79
C PHE A 29 5.29 10.53 -24.72
N SER A 30 4.61 9.60 -24.06
CA SER A 30 3.16 9.68 -23.88
C SER A 30 2.86 9.57 -22.39
N VAL A 31 1.74 10.15 -21.99
CA VAL A 31 1.32 10.11 -20.60
C VAL A 31 0.19 9.11 -20.44
N VAL A 32 0.19 8.40 -19.32
CA VAL A 32 -0.86 7.45 -18.99
C VAL A 32 -1.27 7.88 -17.59
N VAL A 33 -2.56 8.18 -17.41
CA VAL A 33 -3.05 8.65 -16.14
C VAL A 33 -4.51 8.30 -15.91
N ALA A 34 -4.92 8.31 -14.65
CA ALA A 34 -6.30 8.04 -14.27
C ALA A 34 -6.65 9.19 -13.33
N SER A 35 -7.61 10.04 -13.73
CA SER A 35 -8.00 11.17 -12.90
C SER A 35 -9.49 11.43 -12.98
N ASP A 36 -10.03 12.08 -11.95
CA ASP A 36 -11.46 12.40 -11.90
C ASP A 36 -11.70 13.79 -12.52
N GLU A 37 -12.94 14.24 -12.48
CA GLU A 37 -13.31 15.53 -13.04
C GLU A 37 -12.58 16.72 -12.42
N LYS A 38 -12.14 16.58 -11.18
CA LYS A 38 -11.42 17.66 -10.53
C LYS A 38 -9.92 17.53 -10.82
N GLY A 39 -9.56 16.58 -11.66
CA GLY A 39 -8.17 16.37 -12.00
C GLY A 39 -7.44 15.61 -10.91
N GLY A 40 -8.20 15.06 -9.97
CA GLY A 40 -7.60 14.32 -8.87
C GLY A 40 -7.05 12.96 -9.30
N ILE A 41 -5.81 12.67 -8.89
CA ILE A 41 -5.19 11.40 -9.22
C ILE A 41 -4.79 10.60 -7.98
N GLY A 42 -4.60 11.29 -6.85
CA GLY A 42 -4.22 10.59 -5.63
C GLY A 42 -4.30 11.39 -4.34
N ASP A 43 -4.12 10.70 -3.22
CA ASP A 43 -4.17 11.35 -1.91
C ASP A 43 -2.77 11.70 -1.38
N GLY A 44 -1.77 11.57 -2.24
CA GLY A 44 -0.41 11.88 -1.83
C GLY A 44 0.41 10.61 -1.65
N GLY A 45 -0.26 9.53 -1.25
CA GLY A 45 0.42 8.26 -1.04
C GLY A 45 -0.06 7.16 -1.97
N THR A 46 -1.35 7.15 -2.28
CA THR A 46 -1.93 6.12 -3.15
C THR A 46 -3.11 6.65 -3.97
N ILE A 47 -3.65 5.78 -4.83
CA ILE A 47 -4.81 6.12 -5.64
C ILE A 47 -5.99 5.67 -4.80
N PRO A 48 -6.92 6.58 -4.51
CA PRO A 48 -8.10 6.28 -3.68
C PRO A 48 -9.08 5.22 -4.20
N TRP A 49 -9.39 5.23 -5.50
CA TRP A 49 -10.34 4.28 -6.06
C TRP A 49 -9.75 2.95 -6.53
N GLU A 50 -10.60 1.95 -6.66
CA GLU A 50 -10.20 0.63 -7.13
C GLU A 50 -10.91 0.29 -8.43
N ILE A 51 -10.19 0.34 -9.54
CA ILE A 51 -10.75 0.03 -10.85
C ILE A 51 -9.85 -1.01 -11.50
N PRO A 52 -10.16 -2.29 -11.32
CA PRO A 52 -9.36 -3.37 -11.89
C PRO A 52 -9.24 -3.34 -13.42
N GLU A 53 -10.27 -2.80 -14.08
CA GLU A 53 -10.23 -2.71 -15.53
C GLU A 53 -9.18 -1.69 -15.97
N ASP A 54 -8.94 -0.66 -15.14
CA ASP A 54 -7.94 0.36 -15.45
C ASP A 54 -6.55 -0.23 -15.18
N MET A 55 -6.46 -1.06 -14.15
CA MET A 55 -5.20 -1.69 -13.82
C MET A 55 -4.76 -2.56 -15.00
N GLN A 56 -5.68 -3.39 -15.49
CA GLN A 56 -5.37 -4.27 -16.61
C GLN A 56 -5.01 -3.47 -17.87
N TYR A 57 -5.75 -2.41 -18.14
CA TYR A 57 -5.51 -1.59 -19.31
C TYR A 57 -4.15 -0.90 -19.24
N PHE A 58 -3.83 -0.39 -18.05
CA PHE A 58 -2.55 0.27 -17.83
C PHE A 58 -1.42 -0.70 -18.13
N ARG A 59 -1.57 -1.93 -17.64
CA ARG A 59 -0.54 -2.95 -17.84
C ARG A 59 -0.30 -3.23 -19.32
N ARG A 60 -1.38 -3.47 -20.07
CA ARG A 60 -1.28 -3.78 -21.48
C ARG A 60 -0.76 -2.60 -22.32
N VAL A 61 -1.31 -1.41 -22.07
CA VAL A 61 -0.90 -0.21 -22.80
C VAL A 61 0.59 0.10 -22.65
N THR A 62 1.10 0.03 -21.42
CA THR A 62 2.50 0.33 -21.20
C THR A 62 3.44 -0.85 -21.49
N THR A 63 2.89 -2.06 -21.53
CA THR A 63 3.71 -3.23 -21.81
C THR A 63 3.80 -3.58 -23.31
N ASN A 64 2.68 -3.50 -24.02
CA ASN A 64 2.61 -3.85 -25.44
C ASN A 64 3.58 -3.15 -26.39
N LEU A 65 4.18 -3.97 -27.25
CA LEU A 65 5.13 -3.51 -28.25
C LEU A 65 4.51 -3.61 -29.65
N ARG A 66 4.96 -2.72 -30.51
CA ARG A 66 4.51 -2.60 -31.90
C ARG A 66 4.69 -3.86 -32.75
N GLY A 67 3.79 -4.05 -33.71
CA GLY A 67 3.88 -5.20 -34.60
C GLY A 67 3.33 -6.50 -34.07
N LYS A 68 3.48 -7.56 -34.86
CA LYS A 68 2.97 -8.87 -34.48
C LYS A 68 3.96 -9.75 -33.70
N ASN A 69 3.48 -10.31 -32.60
CA ASN A 69 4.28 -11.23 -31.78
C ASN A 69 5.63 -10.77 -31.25
N VAL A 70 5.75 -9.50 -30.88
CA VAL A 70 7.01 -9.01 -30.33
C VAL A 70 6.92 -9.04 -28.81
N LYS A 71 7.70 -9.93 -28.20
CA LYS A 71 7.70 -10.07 -26.74
C LYS A 71 8.73 -9.15 -26.09
N PRO A 72 8.30 -8.37 -25.08
CA PRO A 72 9.22 -7.46 -24.39
C PRO A 72 10.49 -8.15 -23.87
N SER A 73 11.62 -7.48 -24.01
CA SER A 73 12.89 -8.00 -23.54
C SER A 73 13.84 -6.82 -23.37
N PRO A 74 15.02 -7.05 -22.78
CA PRO A 74 15.98 -5.96 -22.58
C PRO A 74 16.41 -5.32 -23.90
N SER A 75 16.36 -6.10 -24.97
CA SER A 75 16.74 -5.61 -26.31
C SER A 75 15.69 -4.66 -26.88
N LYS A 76 14.44 -4.80 -26.43
CA LYS A 76 13.36 -3.93 -26.88
C LYS A 76 12.14 -4.06 -25.99
N ARG A 77 11.79 -2.96 -25.35
CA ARG A 77 10.64 -2.91 -24.47
C ARG A 77 10.29 -1.45 -24.27
N ASN A 78 9.22 -1.19 -23.54
CA ASN A 78 8.83 0.18 -23.28
C ASN A 78 9.40 0.58 -21.94
N ALA A 79 9.39 1.88 -21.68
CA ALA A 79 9.88 2.40 -20.40
C ALA A 79 8.74 3.15 -19.73
N VAL A 80 8.68 3.07 -18.42
CA VAL A 80 7.70 3.81 -17.65
C VAL A 80 8.52 4.72 -16.75
N VAL A 81 8.24 6.03 -16.83
CA VAL A 81 8.98 6.99 -16.03
C VAL A 81 8.08 7.49 -14.91
N MET A 82 8.56 7.40 -13.67
CA MET A 82 7.76 7.80 -12.53
C MET A 82 8.57 8.48 -11.43
N GLY A 83 7.89 9.28 -10.61
CA GLY A 83 8.56 9.94 -9.50
C GLY A 83 8.81 8.91 -8.42
N ARG A 84 9.76 9.17 -7.52
CA ARG A 84 10.08 8.23 -6.47
C ARG A 84 8.89 7.88 -5.57
N LYS A 85 8.02 8.85 -5.33
CA LYS A 85 6.86 8.58 -4.49
C LYS A 85 5.90 7.61 -5.17
N THR A 86 5.83 7.64 -6.49
CA THR A 86 4.95 6.74 -7.22
C THR A 86 5.54 5.33 -7.18
N TRP A 87 6.87 5.24 -7.25
CA TRP A 87 7.53 3.95 -7.18
C TRP A 87 7.24 3.36 -5.81
N ASP A 88 7.27 4.20 -4.78
CA ASP A 88 7.01 3.74 -3.42
C ASP A 88 5.55 3.31 -3.29
N SER A 89 4.64 4.00 -3.99
CA SER A 89 3.23 3.67 -3.91
C SER A 89 2.97 2.30 -4.53
N LEU A 90 3.92 1.82 -5.32
CA LEU A 90 3.78 0.51 -5.94
C LEU A 90 3.83 -0.56 -4.85
N PRO A 91 2.83 -1.45 -4.81
CA PRO A 91 2.89 -2.48 -3.77
C PRO A 91 4.15 -3.31 -4.05
N PRO A 92 5.05 -3.44 -3.05
CA PRO A 92 6.30 -4.18 -3.16
C PRO A 92 6.28 -5.40 -4.08
N LYS A 93 5.16 -6.11 -4.09
CA LYS A 93 5.02 -7.30 -4.93
C LYS A 93 4.90 -6.97 -6.42
N PHE A 94 4.76 -5.70 -6.75
CA PHE A 94 4.66 -5.30 -8.14
C PHE A 94 5.85 -4.45 -8.56
N ARG A 95 6.88 -4.41 -7.72
CA ARG A 95 8.09 -3.66 -8.02
C ARG A 95 9.13 -4.63 -8.54
N PRO A 96 9.67 -4.37 -9.74
CA PRO A 96 9.32 -3.22 -10.57
C PRO A 96 8.20 -3.64 -11.52
N LEU A 97 7.63 -2.69 -12.24
CA LEU A 97 6.57 -3.05 -13.21
C LEU A 97 7.21 -4.00 -14.22
N SER A 98 6.69 -5.21 -14.30
CA SER A 98 7.23 -6.24 -15.18
C SER A 98 7.20 -5.96 -16.68
N ASN A 99 8.22 -6.47 -17.37
CA ASN A 99 8.36 -6.33 -18.83
C ASN A 99 8.54 -4.90 -19.32
N ARG A 100 8.92 -4.01 -18.43
CA ARG A 100 9.13 -2.62 -18.78
C ARG A 100 10.36 -2.10 -18.05
N LEU A 101 11.08 -1.18 -18.67
CA LEU A 101 12.23 -0.59 -18.00
C LEU A 101 11.61 0.42 -17.05
N ASN A 102 11.93 0.32 -15.76
CA ASN A 102 11.38 1.26 -14.78
C ASN A 102 12.40 2.37 -14.51
N VAL A 103 12.02 3.60 -14.84
CA VAL A 103 12.89 4.75 -14.62
C VAL A 103 12.31 5.56 -13.48
N VAL A 104 13.04 5.63 -12.37
CA VAL A 104 12.59 6.36 -11.20
C VAL A 104 13.35 7.65 -10.98
N LEU A 105 12.62 8.75 -10.85
CA LEU A 105 13.23 10.05 -10.66
C LEU A 105 13.32 10.33 -9.16
N SER A 106 14.54 10.61 -8.70
CA SER A 106 14.77 10.89 -7.28
C SER A 106 16.04 11.70 -7.08
N ARG A 107 15.95 12.70 -6.20
CA ARG A 107 17.09 13.56 -5.91
C ARG A 107 18.14 12.86 -5.05
N SER A 108 17.78 11.72 -4.48
CA SER A 108 18.72 11.00 -3.63
C SER A 108 18.78 9.48 -3.79
N ALA A 109 17.62 8.83 -3.84
CA ALA A 109 17.55 7.38 -3.98
C ALA A 109 18.38 6.85 -5.14
N THR A 110 19.22 5.88 -4.84
CA THR A 110 20.07 5.26 -5.85
C THR A 110 19.36 4.02 -6.37
N LYS A 111 19.91 3.46 -7.45
CA LYS A 111 19.35 2.25 -8.05
C LYS A 111 19.34 1.12 -7.02
N GLU A 112 20.45 0.96 -6.33
CA GLU A 112 20.58 -0.09 -5.33
C GLU A 112 19.54 0.07 -4.24
N GLN A 113 19.32 1.31 -3.81
CA GLN A 113 18.33 1.58 -2.77
C GLN A 113 16.91 1.29 -3.26
N LEU A 114 16.68 1.46 -4.56
CA LEU A 114 15.36 1.17 -5.10
C LEU A 114 15.18 -0.35 -5.13
N LEU A 115 16.24 -1.07 -5.52
CA LEU A 115 16.19 -2.52 -5.59
C LEU A 115 15.98 -3.14 -4.21
N ALA A 116 16.58 -2.53 -3.19
CA ALA A 116 16.48 -3.00 -1.81
C ALA A 116 15.05 -3.03 -1.27
N GLY A 117 14.14 -2.37 -1.98
CA GLY A 117 12.76 -2.34 -1.56
C GLY A 117 11.96 -3.50 -2.12
N ILE A 118 12.60 -4.31 -2.96
CA ILE A 118 11.97 -5.48 -3.55
C ILE A 118 12.22 -6.61 -2.56
N PRO A 119 11.15 -7.06 -1.86
CA PRO A 119 11.25 -8.13 -0.87
C PRO A 119 11.68 -9.53 -1.32
N ASP A 120 11.26 -9.97 -2.50
CA ASP A 120 11.68 -11.28 -3.00
C ASP A 120 13.11 -11.10 -3.49
N PRO A 121 14.10 -11.73 -2.81
CA PRO A 121 15.52 -11.63 -3.18
C PRO A 121 15.91 -12.17 -4.55
N ILE A 122 15.20 -13.18 -5.04
CA ILE A 122 15.53 -13.74 -6.35
C ILE A 122 15.03 -12.77 -7.41
N LYS A 123 13.80 -12.31 -7.23
CA LYS A 123 13.20 -11.35 -8.15
C LYS A 123 14.05 -10.09 -8.16
N ARG A 124 14.55 -9.69 -6.98
CA ARG A 124 15.39 -8.49 -6.86
C ARG A 124 16.64 -8.63 -7.70
N ALA A 125 17.22 -9.83 -7.69
CA ALA A 125 18.42 -10.10 -8.48
C ALA A 125 18.10 -9.93 -9.96
N GLU A 126 16.91 -10.33 -10.35
CA GLU A 126 16.51 -10.19 -11.74
C GLU A 126 16.14 -8.77 -12.11
N ALA A 127 15.60 -8.03 -11.15
CA ALA A 127 15.18 -6.66 -11.39
C ALA A 127 16.33 -5.69 -11.61
N ALA A 128 17.56 -6.12 -11.32
CA ALA A 128 18.72 -5.25 -11.48
C ALA A 128 18.83 -4.63 -12.87
N ASN A 129 18.40 -5.35 -13.90
CA ASN A 129 18.47 -4.81 -15.26
C ASN A 129 17.17 -4.14 -15.71
N ASP A 130 16.19 -4.05 -14.80
CA ASP A 130 14.91 -3.44 -15.15
C ASP A 130 14.61 -2.13 -14.43
N VAL A 131 15.55 -1.68 -13.62
CA VAL A 131 15.36 -0.45 -12.87
C VAL A 131 16.52 0.51 -13.08
N VAL A 132 16.19 1.78 -13.32
CA VAL A 132 17.19 2.82 -13.51
C VAL A 132 16.79 4.01 -12.66
N ALA A 133 17.74 4.54 -11.89
CA ALA A 133 17.47 5.69 -11.04
C ALA A 133 18.02 6.94 -11.73
N VAL A 134 17.19 7.97 -11.82
CA VAL A 134 17.61 9.22 -12.44
C VAL A 134 17.60 10.33 -11.40
N ASN A 135 18.78 10.89 -11.13
CA ASN A 135 18.89 11.98 -10.17
C ASN A 135 18.57 13.25 -10.95
N GLY A 136 17.28 13.44 -11.23
CA GLY A 136 16.84 14.59 -11.97
C GLY A 136 15.35 14.46 -12.28
N GLY A 137 14.83 15.35 -13.11
CA GLY A 137 13.42 15.30 -13.45
C GLY A 137 13.11 14.55 -14.73
N LEU A 138 11.89 14.76 -15.23
CA LEU A 138 11.44 14.12 -16.46
C LEU A 138 12.35 14.50 -17.63
N GLU A 139 12.75 15.76 -17.65
CA GLU A 139 13.61 16.27 -18.71
C GLU A 139 14.90 15.45 -18.76
N ASP A 140 15.51 15.22 -17.60
CA ASP A 140 16.73 14.44 -17.54
C ASP A 140 16.50 13.02 -18.05
N ALA A 141 15.35 12.47 -17.70
CA ALA A 141 15.02 11.12 -18.14
C ALA A 141 14.89 11.10 -19.66
N LEU A 142 14.21 12.11 -20.22
CA LEU A 142 14.00 12.19 -21.66
C LEU A 142 15.29 12.41 -22.45
N ARG A 143 16.27 13.11 -21.86
CA ARG A 143 17.54 13.33 -22.54
C ARG A 143 18.28 11.99 -22.55
N MET A 144 18.22 11.30 -21.43
CA MET A 144 18.88 10.01 -21.27
C MET A 144 18.30 8.94 -22.19
N LEU A 145 16.97 8.92 -22.31
CA LEU A 145 16.30 7.93 -23.14
C LEU A 145 16.50 8.11 -24.63
N VAL A 146 17.27 9.14 -25.00
CA VAL A 146 17.58 9.41 -26.40
C VAL A 146 18.91 8.75 -26.76
N SER A 147 19.69 8.42 -25.74
CA SER A 147 21.01 7.81 -25.95
C SER A 147 20.97 6.64 -26.92
N LYS A 148 22.09 6.44 -27.62
CA LYS A 148 22.23 5.37 -28.60
C LYS A 148 21.74 4.04 -28.03
N GLU A 149 21.96 3.85 -26.73
CA GLU A 149 21.57 2.61 -26.04
C GLU A 149 20.07 2.46 -25.76
N HIS A 150 19.32 3.56 -25.77
CA HIS A 150 17.89 3.49 -25.50
C HIS A 150 16.96 3.72 -26.69
N THR A 151 17.44 4.45 -27.71
CA THR A 151 16.61 4.71 -28.89
C THR A 151 16.20 3.41 -29.58
N SER A 152 17.06 2.40 -29.48
CA SER A 152 16.78 1.12 -30.09
C SER A 152 16.11 0.16 -29.11
N SER A 153 16.61 0.12 -27.89
CA SER A 153 16.08 -0.79 -26.88
C SER A 153 14.75 -0.35 -26.25
N ILE A 154 14.43 0.93 -26.34
CA ILE A 154 13.19 1.45 -25.79
C ILE A 154 12.29 1.91 -26.94
N GLU A 155 11.13 1.28 -27.08
CA GLU A 155 10.22 1.61 -28.16
C GLU A 155 9.37 2.84 -27.82
N THR A 156 8.64 2.78 -26.72
CA THR A 156 7.83 3.92 -26.31
C THR A 156 8.12 4.30 -24.86
N VAL A 157 8.14 5.59 -24.59
CA VAL A 157 8.37 6.10 -23.24
C VAL A 157 7.04 6.60 -22.68
N PHE A 158 6.60 6.02 -21.57
CA PHE A 158 5.35 6.40 -20.92
C PHE A 158 5.61 7.09 -19.58
N CYS A 159 5.06 8.30 -19.40
CA CYS A 159 5.20 9.02 -18.15
C CYS A 159 3.99 8.58 -17.34
N ILE A 160 4.22 7.90 -16.23
CA ILE A 160 3.11 7.39 -15.43
C ILE A 160 2.86 8.07 -14.09
N GLY A 161 3.42 9.27 -13.89
CA GLY A 161 3.21 9.98 -12.63
C GLY A 161 4.41 10.16 -11.73
N GLY A 162 4.24 10.80 -10.58
CA GLY A 162 2.93 11.32 -10.20
C GLY A 162 2.70 12.79 -10.48
N GLY A 163 1.98 13.45 -9.57
CA GLY A 163 1.67 14.86 -9.72
C GLY A 163 2.82 15.74 -10.16
N THR A 164 3.96 15.64 -9.48
CA THR A 164 5.09 16.49 -9.82
C THR A 164 5.67 16.18 -11.20
N ILE A 165 5.62 14.91 -11.59
CA ILE A 165 6.16 14.53 -12.89
C ILE A 165 5.21 14.96 -14.01
N TYR A 166 3.91 14.82 -13.76
CA TYR A 166 2.91 15.23 -14.74
C TYR A 166 3.06 16.73 -15.05
N LYS A 167 3.29 17.52 -14.01
CA LYS A 167 3.44 18.96 -14.16
C LYS A 167 4.61 19.28 -15.09
N GLN A 168 5.70 18.54 -14.92
CA GLN A 168 6.88 18.72 -15.75
C GLN A 168 6.56 18.30 -17.18
N ALA A 169 5.73 17.27 -17.30
CA ALA A 169 5.31 16.75 -18.59
C ALA A 169 4.47 17.74 -19.38
N LEU A 170 3.65 18.52 -18.66
CA LEU A 170 2.77 19.48 -19.30
C LEU A 170 3.32 20.89 -19.55
N CYS A 171 4.61 21.11 -19.28
CA CYS A 171 5.18 22.42 -19.55
C CYS A 171 6.52 22.30 -20.29
N ALA A 172 6.99 23.40 -20.86
CA ALA A 172 8.24 23.40 -21.60
C ALA A 172 9.39 23.00 -20.67
N PRO A 173 10.39 22.28 -21.20
CA PRO A 173 10.49 21.86 -22.60
C PRO A 173 9.92 20.47 -22.90
N CYS A 174 9.44 19.77 -21.87
CA CYS A 174 8.89 18.43 -22.06
C CYS A 174 7.64 18.37 -22.92
N VAL A 175 6.66 19.22 -22.60
CA VAL A 175 5.40 19.25 -23.33
C VAL A 175 5.60 19.30 -24.84
N ASN A 176 6.73 19.85 -25.27
CA ASN A 176 7.02 19.97 -26.70
C ASN A 176 7.23 18.64 -27.41
N VAL A 177 7.56 17.59 -26.66
CA VAL A 177 7.74 16.27 -27.26
C VAL A 177 6.67 15.28 -26.79
N LEU A 178 5.63 15.81 -26.15
CA LEU A 178 4.50 15.02 -25.66
C LEU A 178 3.68 14.60 -26.87
N GLN A 179 3.50 13.31 -27.07
CA GLN A 179 2.75 12.84 -28.23
C GLN A 179 1.31 12.46 -27.97
N ALA A 180 1.01 12.07 -26.73
CA ALA A 180 -0.36 11.69 -26.41
C ALA A 180 -0.57 11.50 -24.93
N ILE A 181 -1.84 11.55 -24.53
CA ILE A 181 -2.22 11.35 -23.14
C ILE A 181 -3.31 10.30 -23.15
N HIS A 182 -3.04 9.17 -22.49
CA HIS A 182 -3.99 8.08 -22.38
C HIS A 182 -4.57 8.28 -20.98
N ARG A 183 -5.72 8.93 -20.93
CA ARG A 183 -6.35 9.22 -19.66
C ARG A 183 -7.59 8.38 -19.37
N THR A 184 -7.63 7.86 -18.16
CA THR A 184 -8.79 7.10 -17.73
C THR A 184 -9.60 8.09 -16.92
N VAL A 185 -10.78 8.45 -17.43
CA VAL A 185 -11.66 9.40 -16.74
C VAL A 185 -12.47 8.68 -15.68
N VAL A 186 -12.36 9.15 -14.44
CA VAL A 186 -13.06 8.55 -13.32
C VAL A 186 -14.19 9.41 -12.73
N ARG A 187 -15.35 8.78 -12.52
CA ARG A 187 -16.53 9.44 -11.96
C ARG A 187 -17.22 8.50 -10.97
N PRO A 188 -17.79 9.04 -9.89
CA PRO A 188 -17.81 10.48 -9.57
C PRO A 188 -16.49 10.93 -8.93
N ALA A 189 -16.32 12.25 -8.79
CA ALA A 189 -15.12 12.81 -8.21
C ALA A 189 -14.82 12.22 -6.85
N SER A 190 -13.55 11.99 -6.56
CA SER A 190 -13.13 11.44 -5.28
C SER A 190 -13.09 12.53 -4.21
N ASN A 191 -13.27 12.13 -2.96
CA ASN A 191 -13.23 13.07 -1.85
C ASN A 191 -11.96 12.83 -1.03
N SER A 192 -10.93 12.28 -1.68
CA SER A 192 -9.66 11.98 -1.03
C SER A 192 -8.45 12.46 -1.83
N CYS A 193 -8.68 13.13 -2.96
CA CYS A 193 -7.57 13.57 -3.78
C CYS A 193 -7.03 14.96 -3.48
N SER A 194 -5.73 15.02 -3.25
CA SER A 194 -5.00 16.25 -2.96
C SER A 194 -3.90 16.49 -4.00
N VAL A 195 -3.67 15.48 -4.83
CA VAL A 195 -2.65 15.56 -5.89
C VAL A 195 -3.41 15.53 -7.21
N PHE A 196 -3.03 16.40 -8.15
CA PHE A 196 -3.75 16.48 -9.41
C PHE A 196 -2.92 16.40 -10.70
N PHE A 197 -3.66 16.31 -11.81
CA PHE A 197 -3.14 16.27 -13.16
C PHE A 197 -3.92 17.40 -13.85
N ASP A 198 -3.29 18.57 -13.96
CA ASP A 198 -3.91 19.76 -14.52
C ASP A 198 -3.74 19.90 -16.03
N ILE A 199 -4.82 19.67 -16.77
CA ILE A 199 -4.79 19.79 -18.23
C ILE A 199 -5.88 20.74 -18.71
N PRO A 200 -5.59 21.53 -19.74
CA PRO A 200 -6.57 22.48 -20.29
C PRO A 200 -7.84 21.80 -20.78
N ALA A 201 -8.98 22.35 -20.36
CA ALA A 201 -10.28 21.82 -20.77
C ALA A 201 -10.38 21.89 -22.30
N ALA A 202 -11.37 21.20 -22.85
CA ALA A 202 -11.56 21.19 -24.30
C ALA A 202 -11.89 22.59 -24.80
N GLY A 203 -11.16 23.01 -25.84
CA GLY A 203 -11.39 24.33 -26.41
C GLY A 203 -10.54 25.42 -25.78
N THR A 204 -9.65 25.04 -24.88
CA THR A 204 -8.79 26.02 -24.22
C THR A 204 -7.32 25.71 -24.45
N LYS A 205 -6.51 26.76 -24.50
CA LYS A 205 -5.07 26.63 -24.69
C LYS A 205 -4.38 27.26 -23.48
N THR A 206 -3.47 26.51 -22.87
CA THR A 206 -2.75 27.00 -21.69
C THR A 206 -1.87 28.19 -22.05
N PRO A 207 -1.52 29.01 -21.03
CA PRO A 207 -0.67 30.20 -21.23
C PRO A 207 0.60 29.90 -22.01
N GLU A 208 1.14 28.70 -21.82
CA GLU A 208 2.35 28.30 -22.53
C GLU A 208 2.02 27.99 -23.98
N GLY A 209 0.81 27.50 -24.23
CA GLY A 209 0.39 27.20 -25.58
C GLY A 209 -0.01 25.76 -25.87
N LEU A 210 -0.44 25.03 -24.85
CA LEU A 210 -0.85 23.66 -25.06
C LEU A 210 -2.35 23.47 -25.10
N GLU A 211 -2.85 22.97 -26.23
CA GLU A 211 -4.26 22.69 -26.39
C GLU A 211 -4.35 21.21 -26.72
N LEU A 212 -5.26 20.51 -26.06
CA LEU A 212 -5.42 19.09 -26.29
C LEU A 212 -6.69 18.80 -27.05
N VAL A 213 -6.63 17.79 -27.92
CA VAL A 213 -7.77 17.38 -28.70
C VAL A 213 -8.06 15.91 -28.46
N ARG A 214 -9.33 15.58 -28.27
CA ARG A 214 -9.75 14.21 -28.04
C ARG A 214 -9.71 13.43 -29.35
N GLU A 215 -8.87 12.40 -29.40
CA GLU A 215 -8.77 11.58 -30.60
C GLU A 215 -9.80 10.46 -30.50
N SER A 216 -10.09 10.04 -29.27
CA SER A 216 -11.07 8.98 -29.04
C SER A 216 -11.41 8.85 -27.57
N ILE A 217 -12.50 8.13 -27.29
CA ILE A 217 -12.94 7.91 -25.93
C ILE A 217 -14.00 6.82 -25.93
N THR A 218 -13.85 5.84 -25.04
CA THR A 218 -14.81 4.75 -24.96
C THR A 218 -16.06 5.27 -24.27
N ASP A 219 -17.16 4.52 -24.40
CA ASP A 219 -18.40 4.93 -23.74
C ASP A 219 -18.22 4.57 -22.26
N GLU A 220 -18.87 5.34 -21.39
CA GLU A 220 -18.76 5.12 -19.95
C GLU A 220 -19.11 3.69 -19.53
N ARG A 221 -18.30 3.12 -18.62
CA ARG A 221 -18.51 1.77 -18.13
C ARG A 221 -18.43 1.73 -16.61
N VAL A 222 -19.10 0.75 -16.00
CA VAL A 222 -19.07 0.63 -14.54
C VAL A 222 -18.08 -0.45 -14.12
N SER A 223 -17.20 -0.09 -13.18
CA SER A 223 -16.18 -0.99 -12.70
C SER A 223 -16.72 -2.02 -11.71
N THR A 224 -16.13 -3.22 -11.75
CA THR A 224 -16.51 -4.31 -10.86
C THR A 224 -15.84 -4.12 -9.50
N GLY A 225 -14.96 -3.14 -9.41
CA GLY A 225 -14.27 -2.87 -8.16
C GLY A 225 -15.20 -2.22 -7.15
N ALA A 226 -14.74 -2.08 -5.92
CA ALA A 226 -15.53 -1.48 -4.86
C ALA A 226 -16.00 -0.08 -5.23
N GLY A 227 -17.28 0.20 -4.99
CA GLY A 227 -17.82 1.51 -5.30
C GLY A 227 -18.39 1.61 -6.71
N GLY A 228 -17.97 0.69 -7.58
CA GLY A 228 -18.45 0.70 -8.95
C GLY A 228 -18.24 2.03 -9.64
N LYS A 229 -17.01 2.53 -9.58
CA LYS A 229 -16.70 3.80 -10.23
C LYS A 229 -16.96 3.69 -11.73
N LYS A 230 -17.46 4.77 -12.33
CA LYS A 230 -17.72 4.79 -13.76
C LYS A 230 -16.46 5.32 -14.42
N TYR A 231 -16.07 4.73 -15.54
CA TYR A 231 -14.85 5.16 -16.20
C TYR A 231 -14.90 5.13 -17.72
N GLN A 232 -14.00 5.91 -18.31
CA GLN A 232 -13.87 6.00 -19.75
C GLN A 232 -12.38 6.02 -20.07
N PHE A 233 -12.02 5.37 -21.16
CA PHE A 233 -10.64 5.36 -21.62
C PHE A 233 -10.60 6.39 -22.74
N GLU A 234 -9.90 7.49 -22.50
CA GLU A 234 -9.80 8.56 -23.48
C GLU A 234 -8.36 8.79 -23.92
N LYS A 235 -8.19 9.12 -25.19
CA LYS A 235 -6.88 9.43 -25.73
C LYS A 235 -6.88 10.88 -26.20
N LEU A 236 -5.88 11.63 -25.78
CA LEU A 236 -5.76 13.03 -26.17
C LEU A 236 -4.40 13.26 -26.82
N VAL A 237 -4.37 14.15 -27.81
CA VAL A 237 -3.12 14.48 -28.48
C VAL A 237 -3.04 15.99 -28.58
N PRO A 238 -1.81 16.53 -28.50
CA PRO A 238 -1.63 17.98 -28.58
C PRO A 238 -2.12 18.44 -29.95
N ARG A 239 -2.71 19.63 -30.00
CA ARG A 239 -3.22 20.14 -31.26
C ARG A 239 -2.05 20.62 -32.12
N ASN A 240 -2.09 20.26 -33.40
CA ASN A 240 -1.05 20.67 -34.34
C ASN A 240 -1.66 21.34 -35.55
N SER A 241 -2.05 22.60 -35.39
CA SER A 241 -2.67 23.38 -36.46
C SER A 241 -1.88 23.30 -37.77
N PRO B 24 1.98 -1.14 35.09
CA PRO B 24 2.05 -1.60 36.51
C PRO B 24 0.96 -0.92 37.33
N PRO B 25 -0.25 -1.52 37.37
CA PRO B 25 -0.61 -2.76 36.70
C PRO B 25 -0.76 -2.60 35.18
N LEU B 26 -0.82 -3.71 34.47
CA LEU B 26 -0.96 -3.69 33.01
C LEU B 26 -2.28 -4.33 32.59
N ARG B 27 -2.95 -3.71 31.63
CA ARG B 27 -4.21 -4.24 31.13
C ARG B 27 -3.94 -5.55 30.38
N PRO B 28 -4.76 -6.59 30.62
CA PRO B 28 -4.57 -7.88 29.94
C PRO B 28 -4.83 -7.67 28.45
N PHE B 29 -4.29 -8.53 27.59
CA PHE B 29 -4.48 -8.36 26.17
C PHE B 29 -4.27 -9.67 25.40
N SER B 30 -4.74 -9.69 24.15
CA SER B 30 -4.59 -10.85 23.28
C SER B 30 -3.90 -10.42 22.00
N VAL B 31 -3.16 -11.34 21.42
CA VAL B 31 -2.45 -11.10 20.17
C VAL B 31 -3.24 -11.72 19.03
N VAL B 32 -3.24 -11.03 17.90
CA VAL B 32 -3.89 -11.50 16.67
C VAL B 32 -2.78 -11.29 15.64
N VAL B 33 -2.42 -12.34 14.94
CA VAL B 33 -1.34 -12.28 13.96
C VAL B 33 -1.48 -13.33 12.88
N ALA B 34 -0.82 -13.11 11.74
CA ALA B 34 -0.82 -14.05 10.63
C ALA B 34 0.65 -14.31 10.33
N SER B 35 1.09 -15.55 10.48
CA SER B 35 2.50 -15.87 10.21
C SER B 35 2.71 -17.24 9.59
N ASP B 36 3.79 -17.37 8.81
CA ASP B 36 4.10 -18.65 8.17
C ASP B 36 4.93 -19.51 9.12
N GLU B 37 5.35 -20.67 8.65
CA GLU B 37 6.13 -21.58 9.49
C GLU B 37 7.49 -21.07 9.93
N LYS B 38 8.02 -20.09 9.21
CA LYS B 38 9.31 -19.51 9.59
C LYS B 38 9.07 -18.32 10.52
N GLY B 39 7.82 -18.15 10.94
CA GLY B 39 7.47 -17.06 11.83
C GLY B 39 7.37 -15.73 11.13
N GLY B 40 7.44 -15.75 9.80
CA GLY B 40 7.36 -14.53 9.02
C GLY B 40 6.00 -13.87 9.00
N ILE B 41 5.98 -12.56 9.20
CA ILE B 41 4.74 -11.80 9.20
C ILE B 41 4.69 -10.71 8.15
N GLY B 42 5.87 -10.23 7.73
CA GLY B 42 5.91 -9.16 6.73
C GLY B 42 7.28 -8.84 6.15
N ASP B 43 7.30 -7.99 5.11
CA ASP B 43 8.55 -7.59 4.48
C ASP B 43 9.12 -6.30 5.02
N GLY B 44 8.52 -5.78 6.09
CA GLY B 44 9.00 -4.54 6.67
C GLY B 44 8.04 -3.41 6.37
N GLY B 45 7.32 -3.54 5.25
CA GLY B 45 6.37 -2.52 4.85
C GLY B 45 4.95 -3.05 4.73
N THR B 46 4.79 -4.30 4.30
CA THR B 46 3.47 -4.90 4.12
C THR B 46 3.49 -6.41 4.36
N ILE B 47 2.32 -7.01 4.23
CA ILE B 47 2.17 -8.46 4.38
C ILE B 47 2.23 -8.99 2.95
N PRO B 48 3.20 -9.89 2.65
CA PRO B 48 3.37 -10.46 1.32
C PRO B 48 2.17 -11.20 0.73
N TRP B 49 1.48 -11.98 1.54
CA TRP B 49 0.34 -12.75 1.06
C TRP B 49 -1.02 -12.05 1.04
N GLU B 50 -1.93 -12.62 0.25
CA GLU B 50 -3.28 -12.10 0.08
C GLU B 50 -4.28 -13.20 0.45
N ILE B 51 -4.80 -13.11 1.67
CA ILE B 51 -5.75 -14.10 2.16
C ILE B 51 -6.99 -13.34 2.65
N PRO B 52 -7.98 -13.14 1.77
CA PRO B 52 -9.21 -12.42 2.13
C PRO B 52 -9.94 -13.01 3.32
N GLU B 53 -9.91 -14.34 3.47
CA GLU B 53 -10.58 -14.98 4.60
C GLU B 53 -9.97 -14.53 5.93
N ASP B 54 -8.65 -14.29 5.94
CA ASP B 54 -7.96 -13.83 7.16
C ASP B 54 -8.36 -12.39 7.44
N MET B 55 -8.48 -11.59 6.38
CA MET B 55 -8.87 -10.19 6.53
C MET B 55 -10.25 -10.14 7.19
N GLN B 56 -11.17 -10.95 6.70
CA GLN B 56 -12.53 -11.01 7.23
C GLN B 56 -12.50 -11.43 8.71
N TYR B 57 -11.73 -12.47 9.00
CA TYR B 57 -11.62 -13.00 10.36
C TYR B 57 -11.01 -11.98 11.32
N PHE B 58 -9.94 -11.34 10.88
CA PHE B 58 -9.28 -10.33 11.70
C PHE B 58 -10.26 -9.23 12.09
N ARG B 59 -11.01 -8.74 11.10
CA ARG B 59 -11.98 -7.68 11.36
C ARG B 59 -13.03 -8.08 12.40
N ARG B 60 -13.57 -9.29 12.28
CA ARG B 60 -14.59 -9.76 13.20
C ARG B 60 -14.06 -10.03 14.61
N VAL B 61 -12.92 -10.72 14.71
CA VAL B 61 -12.31 -11.03 15.99
C VAL B 61 -11.98 -9.77 16.79
N THR B 62 -11.42 -8.77 16.13
CA THR B 62 -11.04 -7.54 16.82
C THR B 62 -12.19 -6.57 17.04
N THR B 63 -13.27 -6.69 16.24
CA THR B 63 -14.41 -5.79 16.39
C THR B 63 -15.51 -6.32 17.33
N ASN B 64 -15.79 -7.62 17.26
CA ASN B 64 -16.83 -8.25 18.07
C ASN B 64 -16.74 -8.05 19.58
N LEU B 65 -17.89 -7.77 20.19
CA LEU B 65 -18.02 -7.56 21.63
C LEU B 65 -18.86 -8.67 22.21
N ARG B 66 -18.58 -9.02 23.48
CA ARG B 66 -19.28 -10.08 24.18
C ARG B 66 -20.79 -9.83 24.34
N GLY B 67 -21.53 -10.93 24.47
CA GLY B 67 -22.96 -10.84 24.67
C GLY B 67 -23.75 -10.71 23.39
N LYS B 68 -25.07 -10.65 23.55
CA LYS B 68 -25.96 -10.53 22.40
C LYS B 68 -26.22 -9.09 22.00
N ASN B 69 -26.19 -8.84 20.70
CA ASN B 69 -26.49 -7.53 20.14
C ASN B 69 -25.82 -6.29 20.74
N VAL B 70 -24.53 -6.39 21.05
CA VAL B 70 -23.81 -5.25 21.59
C VAL B 70 -23.00 -4.61 20.45
N LYS B 71 -23.43 -3.43 20.00
CA LYS B 71 -22.75 -2.73 18.92
C LYS B 71 -21.60 -1.85 19.41
N PRO B 72 -20.44 -1.94 18.75
CA PRO B 72 -19.29 -1.12 19.16
C PRO B 72 -19.64 0.37 19.17
N SER B 73 -19.14 1.07 20.19
CA SER B 73 -19.36 2.51 20.30
C SER B 73 -18.27 3.08 21.20
N PRO B 74 -18.14 4.41 21.24
CA PRO B 74 -17.11 5.04 22.08
C PRO B 74 -17.25 4.64 23.55
N SER B 75 -18.47 4.33 23.98
CA SER B 75 -18.68 3.94 25.39
C SER B 75 -18.26 2.50 25.67
N LYS B 76 -18.15 1.68 24.63
CA LYS B 76 -17.70 0.28 24.76
C LYS B 76 -17.37 -0.33 23.41
N ARG B 77 -16.09 -0.63 23.22
CA ARG B 77 -15.59 -1.23 21.99
C ARG B 77 -14.25 -1.84 22.36
N ASN B 78 -13.61 -2.48 21.39
CA ASN B 78 -12.32 -3.08 21.63
C ASN B 78 -11.26 -2.10 21.16
N ALA B 79 -10.02 -2.36 21.58
CA ALA B 79 -8.88 -1.55 21.19
C ALA B 79 -7.91 -2.43 20.43
N VAL B 80 -7.26 -1.85 19.42
CA VAL B 80 -6.25 -2.57 18.65
C VAL B 80 -4.98 -1.72 18.80
N VAL B 81 -3.93 -2.33 19.34
CA VAL B 81 -2.67 -1.63 19.58
C VAL B 81 -1.67 -2.04 18.51
N MET B 82 -1.09 -1.07 17.82
CA MET B 82 -0.15 -1.36 16.75
C MET B 82 1.02 -0.40 16.72
N GLY B 83 2.12 -0.83 16.09
CA GLY B 83 3.29 0.03 15.94
C GLY B 83 2.99 1.04 14.85
N ARG B 84 3.69 2.17 14.86
CA ARG B 84 3.46 3.20 13.85
C ARG B 84 3.62 2.68 12.42
N LYS B 85 4.61 1.84 12.19
CA LYS B 85 4.81 1.31 10.84
C LYS B 85 3.64 0.46 10.39
N THR B 86 2.98 -0.20 11.35
CA THR B 86 1.82 -1.02 11.02
C THR B 86 0.65 -0.11 10.67
N TRP B 87 0.53 1.01 11.38
CA TRP B 87 -0.54 1.96 11.09
C TRP B 87 -0.29 2.51 9.69
N ASP B 88 0.98 2.80 9.37
CA ASP B 88 1.32 3.31 8.05
C ASP B 88 1.02 2.27 6.98
N SER B 89 1.17 0.99 7.33
CA SER B 89 0.92 -0.09 6.37
C SER B 89 -0.56 -0.22 6.05
N LEU B 90 -1.42 0.37 6.88
CA LEU B 90 -2.86 0.34 6.65
C LEU B 90 -3.18 1.19 5.42
N PRO B 91 -3.91 0.62 4.45
CA PRO B 91 -4.22 1.46 3.29
C PRO B 91 -5.01 2.67 3.79
N PRO B 92 -4.62 3.87 3.37
CA PRO B 92 -5.28 5.12 3.78
C PRO B 92 -6.80 5.01 3.96
N LYS B 93 -7.44 4.21 3.11
CA LYS B 93 -8.88 4.04 3.18
C LYS B 93 -9.39 3.21 4.35
N PHE B 94 -8.50 2.48 5.02
CA PHE B 94 -8.92 1.70 6.18
C PHE B 94 -8.38 2.27 7.47
N ARG B 95 -7.86 3.49 7.41
CA ARG B 95 -7.36 4.15 8.60
C ARG B 95 -8.50 5.06 9.06
N PRO B 96 -8.95 4.92 10.32
CA PRO B 96 -8.47 3.97 11.34
C PRO B 96 -9.29 2.70 11.18
N LEU B 97 -8.88 1.63 11.83
CA LEU B 97 -9.65 0.39 11.76
C LEU B 97 -11.01 0.71 12.36
N SER B 98 -12.05 0.52 11.55
CA SER B 98 -13.42 0.82 11.96
C SER B 98 -13.94 0.12 13.22
N ASN B 99 -14.77 0.84 13.97
CA ASN B 99 -15.41 0.35 15.18
C ASN B 99 -14.49 -0.11 16.30
N ARG B 100 -13.26 0.36 16.28
CA ARG B 100 -12.29 -0.02 17.30
C ARG B 100 -11.44 1.20 17.64
N LEU B 101 -10.98 1.26 18.89
CA LEU B 101 -10.11 2.36 19.29
C LEU B 101 -8.74 1.96 18.73
N ASN B 102 -8.14 2.84 17.93
CA ASN B 102 -6.83 2.56 17.36
C ASN B 102 -5.75 3.22 18.20
N VAL B 103 -4.90 2.41 18.82
CA VAL B 103 -3.81 2.90 19.67
C VAL B 103 -2.51 2.70 18.91
N VAL B 104 -1.88 3.81 18.52
CA VAL B 104 -0.64 3.74 17.77
C VAL B 104 0.57 4.12 18.62
N LEU B 105 1.58 3.27 18.59
CA LEU B 105 2.80 3.48 19.36
C LEU B 105 3.86 4.14 18.48
N SER B 106 4.33 5.30 18.91
CA SER B 106 5.33 6.05 18.16
C SER B 106 6.12 6.99 19.08
N ARG B 107 7.41 7.14 18.79
CA ARG B 107 8.28 8.01 19.57
C ARG B 107 8.07 9.47 19.20
N SER B 108 7.53 9.71 18.00
CA SER B 108 7.33 11.09 17.54
C SER B 108 5.92 11.45 17.06
N ALA B 109 5.36 10.63 16.18
CA ALA B 109 4.03 10.89 15.62
C ALA B 109 2.98 11.23 16.68
N THR B 110 2.28 12.34 16.47
CA THR B 110 1.24 12.77 17.39
C THR B 110 -0.11 12.32 16.84
N LYS B 111 -1.14 12.46 17.66
CA LYS B 111 -2.49 12.09 17.27
C LYS B 111 -2.89 12.84 16.00
N GLU B 112 -2.66 14.15 15.98
CA GLU B 112 -3.01 14.96 14.82
C GLU B 112 -2.26 14.55 13.56
N GLN B 113 -0.99 14.20 13.69
CA GLN B 113 -0.20 13.76 12.53
C GLN B 113 -0.72 12.42 12.01
N LEU B 114 -1.24 11.59 12.91
CA LEU B 114 -1.78 10.31 12.49
C LEU B 114 -3.08 10.58 11.71
N LEU B 115 -3.92 11.47 12.24
CA LEU B 115 -5.19 11.79 11.59
C LEU B 115 -4.97 12.44 10.22
N ALA B 116 -3.87 13.20 10.10
CA ALA B 116 -3.53 13.89 8.86
C ALA B 116 -3.30 12.96 7.66
N GLY B 117 -3.09 11.67 7.94
CA GLY B 117 -2.87 10.71 6.89
C GLY B 117 -4.17 10.08 6.39
N ILE B 118 -5.29 10.54 6.94
CA ILE B 118 -6.60 10.04 6.55
C ILE B 118 -7.07 11.01 5.46
N PRO B 119 -7.05 10.56 4.19
CA PRO B 119 -7.45 11.33 3.00
C PRO B 119 -8.84 11.96 3.02
N ASP B 120 -9.85 11.17 3.39
CA ASP B 120 -11.22 11.69 3.43
C ASP B 120 -11.31 12.62 4.63
N PRO B 121 -11.48 13.93 4.39
CA PRO B 121 -11.56 14.92 5.46
C PRO B 121 -12.75 14.79 6.41
N ILE B 122 -13.86 14.27 5.92
CA ILE B 122 -15.04 14.11 6.77
C ILE B 122 -14.82 12.93 7.69
N LYS B 123 -14.28 11.85 7.13
CA LYS B 123 -13.99 10.65 7.90
C LYS B 123 -12.93 11.00 8.96
N ARG B 124 -11.98 11.86 8.57
CA ARG B 124 -10.91 12.29 9.46
C ARG B 124 -11.49 12.99 10.69
N ALA B 125 -12.50 13.82 10.47
CA ALA B 125 -13.14 14.54 11.56
C ALA B 125 -13.74 13.53 12.52
N GLU B 126 -14.40 12.53 11.95
CA GLU B 126 -15.05 11.47 12.72
C GLU B 126 -14.04 10.57 13.41
N ALA B 127 -12.86 10.43 12.81
CA ALA B 127 -11.79 9.59 13.34
C ALA B 127 -11.09 10.15 14.58
N ALA B 128 -11.30 11.44 14.85
CA ALA B 128 -10.65 12.10 15.98
C ALA B 128 -10.82 11.38 17.31
N ASN B 129 -11.95 10.71 17.50
CA ASN B 129 -12.19 10.02 18.76
C ASN B 129 -11.96 8.52 18.68
N ASP B 130 -11.26 8.08 17.64
CA ASP B 130 -10.97 6.65 17.45
C ASP B 130 -9.47 6.37 17.38
N VAL B 131 -8.67 7.43 17.43
CA VAL B 131 -7.22 7.27 17.37
C VAL B 131 -6.56 7.89 18.57
N VAL B 132 -5.59 7.17 19.13
CA VAL B 132 -4.83 7.65 20.28
C VAL B 132 -3.37 7.35 20.00
N ALA B 133 -2.52 8.36 20.17
CA ALA B 133 -1.10 8.20 19.95
C ALA B 133 -0.43 8.01 21.30
N VAL B 134 0.36 6.95 21.42
CA VAL B 134 1.07 6.67 22.66
C VAL B 134 2.55 6.83 22.40
N ASN B 135 3.16 7.80 23.07
CA ASN B 135 4.60 8.01 22.93
C ASN B 135 5.27 7.04 23.89
N GLY B 136 5.32 5.77 23.49
CA GLY B 136 5.92 4.72 24.30
C GLY B 136 5.65 3.38 23.66
N GLY B 137 5.93 2.29 24.38
CA GLY B 137 5.70 0.97 23.83
C GLY B 137 4.42 0.31 24.28
N LEU B 138 4.34 -1.01 24.08
CA LEU B 138 3.16 -1.78 24.45
C LEU B 138 2.86 -1.65 25.95
N GLU B 139 3.92 -1.69 26.75
CA GLU B 139 3.78 -1.58 28.20
C GLU B 139 3.06 -0.30 28.54
N ASP B 140 3.52 0.81 27.96
CA ASP B 140 2.90 2.10 28.20
C ASP B 140 1.44 2.08 27.79
N ALA B 141 1.15 1.44 26.65
CA ALA B 141 -0.22 1.35 26.17
C ALA B 141 -1.07 0.55 27.16
N LEU B 142 -0.54 -0.58 27.62
CA LEU B 142 -1.27 -1.42 28.56
C LEU B 142 -1.52 -0.74 29.90
N ARG B 143 -0.62 0.14 30.32
CA ARG B 143 -0.80 0.84 31.59
C ARG B 143 -1.89 1.90 31.42
N MET B 144 -1.94 2.51 30.24
CA MET B 144 -2.92 3.53 29.94
C MET B 144 -4.31 2.90 29.80
N LEU B 145 -4.35 1.68 29.29
CA LEU B 145 -5.61 0.97 29.07
C LEU B 145 -6.27 0.42 30.33
N VAL B 146 -5.61 0.56 31.47
CA VAL B 146 -6.22 0.12 32.73
C VAL B 146 -6.82 1.34 33.40
N SER B 147 -6.59 2.53 32.83
CA SER B 147 -7.12 3.76 33.41
C SER B 147 -8.63 3.66 33.60
N LYS B 148 -9.16 4.59 34.40
CA LYS B 148 -10.58 4.62 34.69
C LYS B 148 -11.46 4.76 33.45
N GLU B 149 -11.01 5.54 32.48
CA GLU B 149 -11.78 5.73 31.25
C GLU B 149 -11.55 4.66 30.19
N HIS B 150 -10.78 3.62 30.51
CA HIS B 150 -10.52 2.57 29.53
C HIS B 150 -10.96 1.17 29.97
N THR B 151 -10.80 0.84 31.24
CA THR B 151 -11.21 -0.47 31.74
C THR B 151 -12.72 -0.54 31.54
N SER B 152 -13.32 0.64 31.47
CA SER B 152 -14.75 0.80 31.29
C SER B 152 -15.17 0.71 29.82
N SER B 153 -14.66 1.65 29.02
CA SER B 153 -15.01 1.73 27.61
C SER B 153 -14.32 0.75 26.67
N ILE B 154 -13.29 0.05 27.14
CA ILE B 154 -12.58 -0.91 26.30
C ILE B 154 -12.79 -2.31 26.87
N GLU B 155 -13.42 -3.17 26.06
CA GLU B 155 -13.70 -4.53 26.50
C GLU B 155 -12.48 -5.44 26.40
N THR B 156 -11.92 -5.55 25.19
CA THR B 156 -10.73 -6.37 24.99
C THR B 156 -9.64 -5.59 24.24
N VAL B 157 -8.39 -5.81 24.64
CA VAL B 157 -7.27 -5.16 24.00
C VAL B 157 -6.55 -6.18 23.10
N PHE B 158 -6.45 -5.86 21.81
CA PHE B 158 -5.77 -6.73 20.85
C PHE B 158 -4.48 -6.08 20.35
N CYS B 159 -3.37 -6.80 20.48
CA CYS B 159 -2.09 -6.31 19.99
C CYS B 159 -2.04 -6.84 18.57
N ILE B 160 -1.96 -5.95 17.59
CA ILE B 160 -1.97 -6.39 16.20
C ILE B 160 -0.66 -6.21 15.42
N GLY B 161 0.46 -6.02 16.12
CA GLY B 161 1.74 -5.88 15.44
C GLY B 161 2.33 -4.47 15.45
N GLY B 162 3.47 -4.29 14.78
CA GLY B 162 4.13 -5.38 14.06
C GLY B 162 5.21 -6.11 14.82
N GLY B 163 6.30 -6.42 14.13
CA GLY B 163 7.41 -7.13 14.74
C GLY B 163 7.90 -6.62 16.08
N THR B 164 8.19 -5.32 16.17
CA THR B 164 8.70 -4.78 17.43
C THR B 164 7.69 -4.84 18.56
N ILE B 165 6.41 -4.74 18.23
CA ILE B 165 5.38 -4.77 19.26
C ILE B 165 5.15 -6.21 19.72
N TYR B 166 5.19 -7.15 18.78
CA TYR B 166 5.02 -8.56 19.11
C TYR B 166 6.16 -8.99 20.06
N LYS B 167 7.36 -8.48 19.83
CA LYS B 167 8.51 -8.83 20.67
C LYS B 167 8.29 -8.36 22.10
N GLN B 168 7.74 -7.17 22.24
CA GLN B 168 7.45 -6.62 23.55
C GLN B 168 6.33 -7.40 24.24
N ALA B 169 5.40 -7.89 23.43
CA ALA B 169 4.26 -8.67 23.93
C ALA B 169 4.69 -10.02 24.46
N LEU B 170 5.74 -10.60 23.90
CA LEU B 170 6.19 -11.92 24.31
C LEU B 170 7.22 -11.97 25.45
N CYS B 171 7.60 -10.81 25.97
CA CYS B 171 8.55 -10.80 27.09
C CYS B 171 8.02 -9.96 28.25
N ALA B 172 8.64 -10.12 29.42
CA ALA B 172 8.21 -9.38 30.59
C ALA B 172 8.35 -7.89 30.37
N PRO B 173 7.46 -7.08 30.96
CA PRO B 173 6.36 -7.53 31.83
C PRO B 173 5.04 -7.78 31.10
N CYS B 174 4.98 -7.45 29.81
CA CYS B 174 3.76 -7.63 29.03
C CYS B 174 3.26 -9.07 28.93
N VAL B 175 4.15 -9.99 28.59
CA VAL B 175 3.78 -11.40 28.44
C VAL B 175 3.01 -11.93 29.64
N ASN B 176 3.28 -11.38 30.82
CA ASN B 176 2.61 -11.82 32.05
C ASN B 176 1.10 -11.59 32.07
N VAL B 177 0.61 -10.71 31.22
CA VAL B 177 -0.82 -10.44 31.16
C VAL B 177 -1.40 -10.85 29.79
N LEU B 178 -0.59 -11.57 29.01
CA LEU B 178 -1.00 -12.06 27.70
C LEU B 178 -1.98 -13.20 27.96
N GLN B 179 -3.20 -13.08 27.44
CA GLN B 179 -4.20 -14.11 27.68
C GLN B 179 -4.37 -15.11 26.54
N ALA B 180 -4.07 -14.69 25.32
CA ALA B 180 -4.24 -15.56 24.18
C ALA B 180 -3.58 -15.03 22.92
N ILE B 181 -3.35 -15.93 21.98
CA ILE B 181 -2.77 -15.57 20.70
C ILE B 181 -3.67 -16.18 19.64
N HIS B 182 -4.24 -15.32 18.80
CA HIS B 182 -5.10 -15.78 17.71
C HIS B 182 -4.22 -15.71 16.48
N ARG B 183 -3.57 -16.84 16.18
CA ARG B 183 -2.67 -16.92 15.05
C ARG B 183 -3.23 -17.58 13.81
N THR B 184 -3.02 -16.92 12.68
CA THR B 184 -3.44 -17.49 11.41
C THR B 184 -2.17 -18.11 10.84
N VAL B 185 -2.14 -19.44 10.78
CA VAL B 185 -0.99 -20.15 10.25
C VAL B 185 -1.04 -20.15 8.72
N VAL B 186 0.03 -19.66 8.10
CA VAL B 186 0.09 -19.57 6.64
C VAL B 186 1.15 -20.50 6.02
N ARG B 187 0.75 -21.20 4.97
CA ARG B 187 1.63 -22.13 4.24
C ARG B 187 1.36 -22.01 2.74
N PRO B 188 2.41 -22.17 1.91
CA PRO B 188 3.80 -22.42 2.31
C PRO B 188 4.51 -21.15 2.76
N ALA B 189 5.70 -21.30 3.31
CA ALA B 189 6.47 -20.16 3.79
C ALA B 189 6.69 -19.12 2.71
N SER B 190 6.67 -17.86 3.13
CA SER B 190 6.87 -16.75 2.20
C SER B 190 8.33 -16.55 1.87
N ASN B 191 8.61 -16.05 0.66
CA ASN B 191 9.97 -15.78 0.24
C ASN B 191 10.21 -14.27 0.29
N SER B 192 9.37 -13.57 1.05
CA SER B 192 9.47 -12.12 1.16
C SER B 192 9.49 -11.58 2.60
N CYS B 193 9.49 -12.46 3.60
CA CYS B 193 9.47 -11.99 4.98
C CYS B 193 10.80 -11.76 5.68
N SER B 194 10.93 -10.56 6.25
CA SER B 194 12.12 -10.13 6.98
C SER B 194 11.77 -9.71 8.41
N VAL B 195 10.47 -9.72 8.72
CA VAL B 195 9.98 -9.36 10.04
C VAL B 195 9.27 -10.61 10.57
N PHE B 196 9.53 -10.95 11.82
CA PHE B 196 8.94 -12.16 12.39
C PHE B 196 8.19 -12.05 13.70
N PHE B 197 7.54 -13.15 14.05
CA PHE B 197 6.77 -13.30 15.29
C PHE B 197 7.34 -14.61 15.85
N ASP B 198 8.29 -14.49 16.77
CA ASP B 198 8.95 -15.66 17.35
C ASP B 198 8.30 -16.18 18.61
N ILE B 199 7.63 -17.32 18.50
CA ILE B 199 6.99 -17.94 19.65
C ILE B 199 7.56 -19.34 19.85
N PRO B 200 7.66 -19.78 21.11
CA PRO B 200 8.20 -21.12 21.37
C PRO B 200 7.39 -22.23 20.73
N ALA B 201 8.09 -23.18 20.11
CA ALA B 201 7.42 -24.31 19.47
C ALA B 201 6.66 -25.09 20.55
N ALA B 202 5.72 -25.93 20.10
CA ALA B 202 4.94 -26.73 21.04
C ALA B 202 5.85 -27.63 21.86
N GLY B 203 5.62 -27.67 23.16
CA GLY B 203 6.44 -28.51 24.04
C GLY B 203 7.71 -27.83 24.50
N THR B 204 7.89 -26.57 24.13
CA THR B 204 9.09 -25.84 24.53
C THR B 204 8.72 -24.60 25.32
N LYS B 205 9.55 -24.24 26.29
CA LYS B 205 9.32 -23.06 27.10
C LYS B 205 10.49 -22.11 26.91
N THR B 206 10.21 -20.83 26.70
CA THR B 206 11.25 -19.84 26.48
C THR B 206 12.00 -19.49 27.76
N PRO B 207 13.19 -18.88 27.64
CA PRO B 207 14.00 -18.50 28.80
C PRO B 207 13.20 -17.59 29.75
N GLU B 208 12.21 -16.89 29.19
CA GLU B 208 11.36 -16.01 29.97
C GLU B 208 10.52 -16.90 30.87
N GLY B 209 10.15 -18.07 30.34
CA GLY B 209 9.33 -19.02 31.07
C GLY B 209 7.98 -19.10 30.40
N LEU B 210 7.95 -18.76 29.11
CA LEU B 210 6.72 -18.78 28.34
C LEU B 210 6.53 -20.02 27.48
N GLU B 211 5.46 -20.75 27.76
CA GLU B 211 5.12 -21.93 27.00
C GLU B 211 3.67 -21.76 26.56
N LEU B 212 3.40 -22.07 25.30
CA LEU B 212 2.05 -21.94 24.77
C LEU B 212 1.44 -23.29 24.48
N VAL B 213 0.13 -23.39 24.72
CA VAL B 213 -0.59 -24.63 24.45
C VAL B 213 -1.72 -24.32 23.49
N ARG B 214 -1.93 -25.20 22.52
CA ARG B 214 -2.99 -25.01 21.53
C ARG B 214 -4.35 -25.31 22.14
N GLU B 215 -5.25 -24.33 22.09
CA GLU B 215 -6.59 -24.52 22.62
C GLU B 215 -7.48 -25.03 21.49
N SER B 216 -7.14 -24.66 20.26
CA SER B 216 -7.91 -25.08 19.09
C SER B 216 -7.22 -24.68 17.79
N ILE B 217 -7.71 -25.24 16.68
CA ILE B 217 -7.16 -24.94 15.37
C ILE B 217 -8.08 -25.51 14.32
N THR B 218 -8.42 -24.71 13.32
CA THR B 218 -9.31 -25.15 12.26
C THR B 218 -8.51 -26.07 11.33
N ASP B 219 -9.22 -26.79 10.48
CA ASP B 219 -8.55 -27.66 9.53
C ASP B 219 -8.05 -26.75 8.42
N GLU B 220 -6.92 -27.10 7.83
CA GLU B 220 -6.31 -26.31 6.77
C GLU B 220 -7.29 -26.03 5.62
N ARG B 221 -7.36 -24.78 5.19
CA ARG B 221 -8.24 -24.39 4.10
C ARG B 221 -7.45 -23.66 3.02
N VAL B 222 -7.99 -23.64 1.82
CA VAL B 222 -7.34 -22.98 0.69
C VAL B 222 -8.01 -21.64 0.43
N SER B 223 -7.22 -20.57 0.47
CA SER B 223 -7.72 -19.22 0.26
C SER B 223 -8.03 -18.97 -1.21
N THR B 224 -9.00 -18.08 -1.45
CA THR B 224 -9.41 -17.71 -2.80
C THR B 224 -8.52 -16.59 -3.32
N GLY B 225 -7.68 -16.05 -2.45
CA GLY B 225 -6.78 -14.99 -2.86
C GLY B 225 -5.68 -15.48 -3.78
N ALA B 226 -4.97 -14.54 -4.39
CA ALA B 226 -3.88 -14.88 -5.31
C ALA B 226 -2.89 -15.82 -4.64
N GLY B 227 -2.45 -16.84 -5.37
CA GLY B 227 -1.49 -17.78 -4.83
C GLY B 227 -2.15 -18.94 -4.12
N GLY B 228 -3.40 -18.76 -3.71
CA GLY B 228 -4.13 -19.80 -3.01
C GLY B 228 -3.39 -20.32 -1.79
N LYS B 229 -2.97 -19.41 -0.93
CA LYS B 229 -2.26 -19.79 0.29
C LYS B 229 -3.16 -20.68 1.14
N LYS B 230 -2.55 -21.63 1.86
CA LYS B 230 -3.28 -22.52 2.74
C LYS B 230 -3.16 -21.94 4.14
N TYR B 231 -4.28 -21.89 4.86
CA TYR B 231 -4.28 -21.31 6.20
C TYR B 231 -5.07 -22.08 7.24
N GLN B 232 -4.78 -21.77 8.49
CA GLN B 232 -5.45 -22.36 9.64
C GLN B 232 -5.62 -21.26 10.69
N PHE B 233 -6.76 -21.27 11.37
CA PHE B 233 -7.02 -20.31 12.42
C PHE B 233 -6.73 -21.06 13.72
N GLU B 234 -5.68 -20.65 14.41
CA GLU B 234 -5.28 -21.31 15.65
C GLU B 234 -5.34 -20.39 16.85
N LYS B 235 -5.75 -20.94 17.99
CA LYS B 235 -5.80 -20.18 19.22
C LYS B 235 -4.82 -20.79 20.21
N LEU B 236 -3.90 -19.98 20.73
CA LEU B 236 -2.92 -20.43 21.69
C LEU B 236 -3.08 -19.65 22.98
N VAL B 237 -2.83 -20.29 24.12
CA VAL B 237 -2.92 -19.63 25.41
C VAL B 237 -1.71 -20.00 26.25
N PRO B 238 -1.25 -19.08 27.10
CA PRO B 238 -0.09 -19.37 27.95
C PRO B 238 -0.40 -20.56 28.84
N ARG B 239 0.58 -21.43 29.03
CA ARG B 239 0.37 -22.61 29.87
C ARG B 239 0.37 -22.12 31.32
N ASN B 240 -0.58 -22.61 32.11
CA ASN B 240 -0.66 -22.21 33.52
C ASN B 240 -0.66 -23.45 34.38
N SER B 241 0.47 -23.71 35.02
CA SER B 241 0.63 -24.87 35.91
C SER B 241 -0.38 -24.84 37.06
PA NDP C . 5.77 11.98 -7.45
O1A NDP C . 5.57 12.90 -8.56
O2A NDP C . 5.37 10.64 -7.87
O5B NDP C . 7.28 11.97 -7.04
C5B NDP C . 7.83 13.24 -6.60
C4B NDP C . 9.29 12.89 -6.29
O4B NDP C . 10.02 12.44 -7.44
C3B NDP C . 10.26 13.90 -5.65
O3B NDP C . 9.96 13.91 -4.23
C2B NDP C . 11.63 13.36 -6.10
O2B NDP C . 11.67 12.25 -5.17
C1B NDP C . 11.33 13.01 -7.56
N9A NDP C . 11.37 14.20 -8.40
C8A NDP C . 10.41 15.00 -8.97
N7A NDP C . 11.01 16.02 -9.68
C5A NDP C . 12.34 15.84 -9.56
C6A NDP C . 13.43 16.51 -10.04
N6A NDP C . 13.28 17.61 -10.81
N1A NDP C . 14.66 16.05 -9.72
C2A NDP C . 14.90 14.96 -8.96
N3A NDP C . 13.85 14.28 -8.47
C4A NDP C . 12.56 14.71 -8.77
O3 NDP C . 4.96 12.38 -6.14
PN NDP C . 3.57 13.16 -6.04
O1N NDP C . 3.57 14.38 -6.85
O2N NDP C . 3.37 13.55 -4.60
O5D NDP C . 2.37 12.22 -6.56
C5D NDP C . 2.24 10.97 -5.78
C4D NDP C . 0.69 10.74 -5.64
O4D NDP C . -0.01 10.68 -6.91
C3D NDP C . 0.29 9.46 -4.90
O3D NDP C . -0.97 9.79 -4.23
C2D NDP C . 0.06 8.43 -6.03
O2D NDP C . -0.87 7.39 -5.66
C1D NDP C . -0.51 9.32 -7.13
N1N NDP C . -0.34 8.94 -8.57
C2N NDP C . -1.65 8.82 -9.33
C3N NDP C . -1.60 8.47 -10.68
C7N NDP C . -2.90 8.34 -11.48
O7N NDP C . -2.85 8.03 -12.70
N7N NDP C . -4.07 8.53 -10.89
C4N NDP C . -0.25 8.25 -11.32
C5N NDP C . 1.03 8.37 -10.52
C6N NDP C . 0.99 8.70 -9.21
P2B NDP C . 12.76 12.25 -4.03
O1X NDP C . 13.84 13.30 -4.16
O2X NDP C . 11.98 12.60 -2.79
O3X NDP C . 13.26 10.85 -3.79
N1 CP6 D . -2.47 5.58 -15.28
C2 CP6 D . -3.64 4.81 -15.23
C3 CP6 D . -1.46 5.40 -14.33
C4 CP6 D . -1.60 4.37 -13.21
C5 CP6 D . -2.94 3.60 -13.28
N6 CP6 D . -3.88 3.85 -14.25
C7 CP6 D . -0.59 4.09 -12.20
C8 CP6 D . -0.46 4.82 -10.95
C9 CP6 D . 0.55 4.49 -9.99
C10 CP6 D . 1.49 3.39 -10.26
C11 CP6 D . 1.42 2.63 -11.47
C12 CP6 D . 0.38 2.99 -12.43
N13 CP6 D . -0.34 6.15 -14.39
N14 CP6 D . -4.64 5.02 -16.18
C15 CP6 D . -3.26 2.55 -12.25
C16 CP6 D . -3.35 1.10 -12.70
CL1 CP6 D . 2.60 3.10 -9.07
PA NDP E . 6.10 -1.91 13.96
O1A NDP E . 6.32 -2.89 15.03
O2A NDP E . 4.73 -2.06 13.46
O5B NDP E . 6.29 -0.44 14.48
C5B NDP E . 7.61 -0.16 15.01
C4B NDP E . 7.50 1.32 15.45
O4B NDP E . 6.54 1.54 16.49
C3B NDP E . 8.72 2.15 15.93
O3B NDP E . 9.47 2.51 14.73
C2B NDP E . 8.05 3.25 16.76
O2B NDP E . 7.62 4.02 15.61
C1B NDP E . 7.00 2.43 17.51
N9A NDP E . 7.56 1.75 18.68
C8A NDP E . 7.93 0.45 18.94
N7A NDP E . 8.40 0.35 20.24
C5A NDP E . 8.31 1.59 20.77
C6A NDP E . 8.62 2.13 22.00
N6A NDP E . 9.12 1.39 22.99
N1A NDP E . 8.40 3.44 22.21
C2A NDP E . 7.90 4.29 21.28
N3A NDP E . 7.59 3.80 20.08
C4A NDP E . 7.79 2.45 19.80
O3 NDP E . 7.14 -2.08 12.77
PN NDP E . 7.90 -3.40 12.33
O1N NDP E . 8.54 -4.08 13.48
O2N NDP E . 8.95 -2.98 11.37
O5D NDP E . 6.86 -4.43 11.64
C5D NDP E . 6.17 -3.86 10.46
C4D NDP E . 5.98 -5.04 9.45
O4D NDP E . 5.24 -6.17 9.96
C3D NDP E . 5.28 -4.62 8.14
O3D NDP E . 5.91 -5.43 7.10
C2D NDP E . 3.81 -5.04 8.33
O2D NDP E . 3.18 -5.35 7.07
C1D NDP E . 3.98 -6.28 9.22
N1N NDP E . 2.88 -6.68 10.17
C2N NDP E . 2.41 -8.12 9.99
C3N NDP E . 1.41 -8.60 10.82
C7N NDP E . 0.90 -10.04 10.68
O7N NDP E . -0.01 -10.47 11.43
N7N NDP E . 1.42 -10.82 9.75
C4N NDP E . 0.85 -7.67 11.86
C5N NDP E . 1.34 -6.25 12.00
C6N NDP E . 2.31 -5.78 11.20
P2B NDP E . 8.23 5.46 15.37
O1X NDP E . 9.04 6.04 16.49
O2X NDP E . 9.18 5.26 14.20
O3X NDP E . 7.19 6.41 14.83
N1 CP6 F . -3.50 -10.67 12.30
C2 CP6 F . -4.12 -11.42 11.30
C3 CP6 F . -3.13 -9.34 12.08
C4 CP6 F . -3.40 -8.66 10.74
C5 CP6 F . -4.09 -9.60 9.72
N6 CP6 F . -4.42 -10.92 10.02
C7 CP6 F . -3.08 -7.28 10.42
C8 CP6 F . -1.82 -6.85 9.90
C9 CP6 F . -1.55 -5.47 9.59
C10 CP6 F . -2.60 -4.46 9.82
C11 CP6 F . -3.88 -4.82 10.33
C12 CP6 F . -4.12 -6.22 10.63
N13 CP6 F . -2.54 -8.64 13.07
N14 CP6 F . -4.46 -12.76 11.56
C15 CP6 F . -4.42 -9.10 8.32
C16 CP6 F . -5.87 -8.77 7.98
CL1 CP6 F . -2.18 -2.93 9.41
#